data_3W5P
#
_entry.id   3W5P
#
_cell.length_a   154.509
_cell.length_b   42.371
_cell.length_c   41.649
_cell.angle_alpha   90.00
_cell.angle_beta   96.79
_cell.angle_gamma   90.00
#
_symmetry.space_group_name_H-M   'C 1 2 1'
#
loop_
_entity.id
_entity.type
_entity.pdbx_description
1 polymer 'Vitamin D3 receptor'
2 polymer 'Mediator of RNA polymerase II transcription subunit 1'
3 non-polymer '(3beta,5beta,14beta,17alpha)-3-hydroxycholan-24-oic acid'
4 water water
#
loop_
_entity_poly.entity_id
_entity_poly.type
_entity_poly.pdbx_seq_one_letter_code
_entity_poly.pdbx_strand_id
1 'polypeptide(L)'
;GSHMGSPNSPLKDSLRPKLSEEQQHIIAILLDAHHKTYDPTYADFRDFRPPVRMDGSTGSVTLDLSPLSMLPHLADLVSY
SIQKVIGFAKMIPGFRDLTSDDQIVLLKSSAIEVIMLRSNQSFTMDDMSWDCGSQDYKYDVTDVSKAGHTLELIEPLIKF
QVGLKKLNLHEEEHVLLMAICIVSPDRPGVQDAKLVEAIQDRLSNTLQTYIRCRHPPPGSHQLYAKMIQKLADLRSLNEE
HSKQYRSLSFQPENSMKLTPLVLEVFGNEIS
;
A
2 'polypeptide(L)' KNHPMLMNLLKDN C
#
loop_
_chem_comp.id
_chem_comp.type
_chem_comp.name
_chem_comp.formula
4OA non-polymer '(3beta,5beta,14beta,17alpha)-3-hydroxycholan-24-oic acid' 'C24 H40 O3'
#
# COMPACT_ATOMS: atom_id res chain seq x y z
N LYS A 18 21.12 9.34 17.38
CA LYS A 18 21.16 8.00 18.04
C LYS A 18 19.74 7.46 18.26
N LEU A 19 18.77 8.10 17.63
CA LEU A 19 17.37 7.71 17.76
C LEU A 19 16.83 8.21 19.09
N SER A 20 16.25 9.40 19.07
CA SER A 20 15.69 9.99 20.28
C SER A 20 14.61 9.08 20.86
N GLU A 21 14.09 9.47 22.03
CA GLU A 21 13.04 8.69 22.68
C GLU A 21 11.79 8.77 21.81
N GLU A 22 11.59 9.93 21.17
CA GLU A 22 10.44 10.13 20.31
C GLU A 22 10.51 9.19 19.12
N GLN A 23 11.68 9.10 18.49
CA GLN A 23 11.83 8.23 17.34
C GLN A 23 11.58 6.76 17.67
N GLN A 24 12.00 6.32 18.85
CA GLN A 24 11.78 4.93 19.26
C GLN A 24 10.29 4.76 19.50
N HIS A 25 9.67 5.82 19.99
CA HIS A 25 8.23 5.86 20.26
C HIS A 25 7.49 5.65 18.93
N ILE A 26 7.86 6.45 17.94
CA ILE A 26 7.25 6.37 16.61
C ILE A 26 7.34 4.97 16.04
N ILE A 27 8.53 4.40 16.06
CA ILE A 27 8.73 3.06 15.53
C ILE A 27 7.88 2.03 16.24
N ALA A 28 7.76 2.17 17.56
CA ALA A 28 6.96 1.24 18.34
C ALA A 28 5.50 1.36 17.92
N ILE A 29 5.05 2.58 17.72
CA ILE A 29 3.67 2.82 17.32
C ILE A 29 3.35 2.19 15.96
N LEU A 30 4.26 2.38 15.01
CA LEU A 30 4.05 1.86 13.65
C LEU A 30 4.08 0.33 13.59
N LEU A 31 4.98 -0.29 14.33
CA LEU A 31 5.06 -1.76 14.35
C LEU A 31 3.74 -2.32 14.86
N ASP A 32 3.22 -1.71 15.92
CA ASP A 32 1.96 -2.15 16.50
C ASP A 32 0.81 -1.92 15.53
N ALA A 33 0.78 -0.75 14.92
CA ALA A 33 -0.29 -0.42 13.97
C ALA A 33 -0.32 -1.45 12.84
N HIS A 34 0.87 -1.84 12.37
CA HIS A 34 0.99 -2.83 11.30
C HIS A 34 0.49 -4.21 11.74
N HIS A 35 0.89 -4.63 12.93
CA HIS A 35 0.48 -5.95 13.45
C HIS A 35 -1.02 -6.03 13.61
N LYS A 36 -1.65 -4.88 13.83
CA LYS A 36 -3.10 -4.81 14.01
C LYS A 36 -3.87 -4.66 12.71
N THR A 37 -3.16 -4.43 11.61
CA THR A 37 -3.84 -4.26 10.34
C THR A 37 -3.39 -5.19 9.21
N TYR A 38 -2.39 -6.01 9.49
CA TYR A 38 -1.93 -6.96 8.49
C TYR A 38 -1.85 -8.32 9.17
N ASP A 39 -2.84 -9.16 8.90
CA ASP A 39 -2.93 -10.51 9.47
C ASP A 39 -2.23 -11.51 8.55
N PRO A 40 -1.03 -11.97 8.93
CA PRO A 40 -0.30 -12.93 8.10
C PRO A 40 -0.92 -14.33 7.99
N THR A 41 -2.08 -14.54 8.61
CA THR A 41 -2.76 -15.84 8.49
C THR A 41 -3.76 -15.72 7.35
N TYR A 42 -4.04 -14.49 6.95
CA TYR A 42 -4.97 -14.20 5.85
C TYR A 42 -6.31 -14.91 6.04
N ALA A 43 -6.73 -15.04 7.29
CA ALA A 43 -7.98 -15.72 7.63
C ALA A 43 -9.24 -15.07 7.08
N ASP A 44 -9.19 -13.77 6.76
CA ASP A 44 -10.36 -13.09 6.24
C ASP A 44 -10.57 -13.29 4.74
N PHE A 45 -9.56 -13.86 4.06
CA PHE A 45 -9.66 -14.08 2.62
C PHE A 45 -10.80 -15.02 2.25
N ARG A 46 -11.27 -15.78 3.24
CA ARG A 46 -12.37 -16.71 3.03
C ARG A 46 -13.68 -15.98 2.79
N ASP A 47 -13.76 -14.72 3.20
CA ASP A 47 -15.00 -13.95 3.04
C ASP A 47 -15.13 -13.32 1.66
N PHE A 48 -14.02 -13.27 0.92
CA PHE A 48 -14.02 -12.68 -0.42
C PHE A 48 -14.77 -13.57 -1.40
N ARG A 49 -15.32 -12.97 -2.45
CA ARG A 49 -15.98 -13.76 -3.48
C ARG A 49 -14.85 -14.66 -3.93
N PRO A 50 -15.13 -15.97 -4.09
CA PRO A 50 -14.15 -16.98 -4.51
C PRO A 50 -13.31 -16.71 -5.75
N PRO A 51 -12.03 -17.10 -5.71
CA PRO A 51 -11.13 -16.90 -6.86
C PRO A 51 -11.50 -17.90 -7.95
N VAL A 52 -11.31 -17.50 -9.21
CA VAL A 52 -11.62 -18.38 -10.32
C VAL A 52 -10.46 -18.46 -11.31
N ARG A 53 -9.79 -19.61 -11.33
CA ARG A 53 -8.66 -19.84 -12.21
C ARG A 53 -9.07 -20.88 -13.25
N MET A 54 -9.04 -20.50 -14.53
CA MET A 54 -9.41 -21.42 -15.60
C MET A 54 -8.18 -22.05 -16.25
N SER A 66 -9.54 -17.60 -18.80
CA SER A 66 -10.02 -16.93 -17.59
C SER A 66 -10.34 -15.47 -17.86
N PRO A 67 -11.39 -15.21 -18.66
CA PRO A 67 -11.80 -13.85 -18.99
C PRO A 67 -12.26 -13.05 -17.77
N LEU A 68 -11.35 -12.26 -17.20
CA LEU A 68 -11.67 -11.45 -16.03
C LEU A 68 -12.23 -12.33 -14.91
N SER A 69 -11.86 -13.60 -14.92
CA SER A 69 -12.34 -14.54 -13.92
C SER A 69 -11.88 -14.24 -12.48
N MET A 70 -10.80 -13.48 -12.34
CA MET A 70 -10.27 -13.16 -11.01
C MET A 70 -10.72 -11.79 -10.50
N LEU A 71 -11.48 -11.07 -11.30
CA LEU A 71 -11.93 -9.73 -10.92
C LEU A 71 -12.73 -9.66 -9.61
N PRO A 72 -13.74 -10.52 -9.44
CA PRO A 72 -14.53 -10.47 -8.21
C PRO A 72 -13.69 -10.71 -6.95
N HIS A 73 -12.91 -11.78 -6.96
CA HIS A 73 -12.06 -12.11 -5.81
C HIS A 73 -11.07 -10.99 -5.49
N LEU A 74 -10.29 -10.58 -6.48
CA LEU A 74 -9.29 -9.54 -6.28
C LEU A 74 -9.90 -8.17 -5.97
N ALA A 75 -11.13 -7.95 -6.41
CA ALA A 75 -11.80 -6.67 -6.12
C ALA A 75 -12.04 -6.63 -4.60
N ASP A 76 -12.53 -7.73 -4.06
CA ASP A 76 -12.81 -7.82 -2.62
C ASP A 76 -11.51 -7.72 -1.81
N LEU A 77 -10.49 -8.38 -2.33
CA LEU A 77 -9.16 -8.41 -1.71
C LEU A 77 -8.59 -7.00 -1.60
N VAL A 78 -8.67 -6.24 -2.70
CA VAL A 78 -8.17 -4.88 -2.72
C VAL A 78 -9.02 -3.97 -1.83
N SER A 79 -10.33 -4.16 -1.88
CA SER A 79 -11.26 -3.35 -1.08
C SER A 79 -10.96 -3.55 0.41
N TYR A 80 -10.74 -4.80 0.78
CA TYR A 80 -10.42 -5.19 2.16
C TYR A 80 -9.11 -4.52 2.56
N SER A 81 -8.15 -4.60 1.64
CA SER A 81 -6.83 -4.04 1.85
C SER A 81 -6.88 -2.53 2.02
N ILE A 82 -7.78 -1.90 1.30
CA ILE A 82 -7.93 -0.45 1.44
C ILE A 82 -8.34 -0.14 2.88
N GLN A 83 -9.29 -0.91 3.41
CA GLN A 83 -9.77 -0.72 4.77
C GLN A 83 -8.63 -0.86 5.79
N LYS A 84 -7.76 -1.83 5.54
CA LYS A 84 -6.64 -2.08 6.43
C LYS A 84 -5.61 -0.95 6.39
N VAL A 85 -5.36 -0.42 5.21
CA VAL A 85 -4.41 0.67 5.04
C VAL A 85 -4.92 1.92 5.77
N ILE A 86 -6.23 2.13 5.74
CA ILE A 86 -6.84 3.27 6.43
C ILE A 86 -6.66 3.09 7.94
N GLY A 87 -6.81 1.85 8.40
CA GLY A 87 -6.65 1.58 9.82
C GLY A 87 -5.23 1.88 10.24
N PHE A 88 -4.28 1.51 9.39
CA PHE A 88 -2.86 1.75 9.67
C PHE A 88 -2.57 3.25 9.69
N ALA A 89 -3.03 3.93 8.65
CA ALA A 89 -2.81 5.35 8.52
C ALA A 89 -3.28 6.14 9.74
N LYS A 90 -4.43 5.78 10.28
CA LYS A 90 -4.97 6.50 11.43
C LYS A 90 -4.11 6.40 12.67
N MET A 91 -3.25 5.40 12.72
CA MET A 91 -2.36 5.22 13.87
C MET A 91 -0.99 5.87 13.69
N ILE A 92 -0.73 6.42 12.51
CA ILE A 92 0.54 7.10 12.24
C ILE A 92 0.62 8.35 13.10
N PRO A 93 1.66 8.46 13.94
CA PRO A 93 1.79 9.63 14.81
C PRO A 93 1.68 10.92 14.02
N GLY A 94 0.68 11.73 14.34
CA GLY A 94 0.50 13.00 13.65
C GLY A 94 -0.62 13.04 12.62
N PHE A 95 -0.98 11.88 12.08
CA PHE A 95 -2.02 11.80 11.07
C PHE A 95 -3.34 12.36 11.59
N ARG A 96 -3.63 12.04 12.85
CA ARG A 96 -4.86 12.47 13.52
C ARG A 96 -4.95 13.98 13.63
N ASP A 97 -3.81 14.66 13.53
CA ASP A 97 -3.79 16.12 13.62
C ASP A 97 -4.17 16.81 12.33
N LEU A 98 -4.20 16.06 11.23
CA LEU A 98 -4.56 16.63 9.94
C LEU A 98 -6.08 16.79 9.85
N THR A 99 -6.55 17.60 8.91
CA THR A 99 -7.99 17.80 8.75
C THR A 99 -8.58 16.58 8.04
N SER A 100 -9.88 16.40 8.22
CA SER A 100 -10.59 15.28 7.58
C SER A 100 -10.35 15.27 6.08
N ASP A 101 -10.35 16.46 5.48
CA ASP A 101 -10.15 16.59 4.04
C ASP A 101 -8.75 16.17 3.58
N ASP A 102 -7.74 16.55 4.34
CA ASP A 102 -6.38 16.18 3.97
C ASP A 102 -6.17 14.68 4.15
N GLN A 103 -6.75 14.12 5.20
CA GLN A 103 -6.61 12.68 5.44
C GLN A 103 -7.17 11.92 4.24
N ILE A 104 -8.31 12.38 3.74
CA ILE A 104 -8.97 11.76 2.59
C ILE A 104 -8.13 11.85 1.32
N VAL A 105 -7.51 13.01 1.09
CA VAL A 105 -6.68 13.17 -0.09
C VAL A 105 -5.47 12.23 -0.02
N LEU A 106 -4.85 12.15 1.14
CA LEU A 106 -3.67 11.30 1.30
C LEU A 106 -4.01 9.81 1.10
N LEU A 107 -5.09 9.35 1.70
CA LEU A 107 -5.48 7.95 1.57
C LEU A 107 -5.87 7.61 0.17
N LYS A 108 -6.62 8.50 -0.49
CA LYS A 108 -7.07 8.23 -1.84
C LYS A 108 -5.88 8.06 -2.79
N SER A 109 -4.86 8.89 -2.61
CA SER A 109 -3.70 8.83 -3.49
C SER A 109 -2.73 7.69 -3.17
N SER A 110 -2.57 7.36 -1.89
CA SER A 110 -1.60 6.32 -1.52
C SER A 110 -2.09 4.89 -1.38
N ALA A 111 -3.40 4.71 -1.30
CA ALA A 111 -3.96 3.37 -1.09
C ALA A 111 -3.34 2.26 -1.94
N ILE A 112 -3.38 2.41 -3.26
CA ILE A 112 -2.85 1.37 -4.11
C ILE A 112 -1.36 1.14 -3.89
N GLU A 113 -0.64 2.22 -3.62
CA GLU A 113 0.81 2.14 -3.38
C GLU A 113 1.11 1.40 -2.08
N VAL A 114 0.38 1.72 -1.02
CA VAL A 114 0.62 1.04 0.25
C VAL A 114 0.23 -0.42 0.12
N ILE A 115 -0.85 -0.69 -0.62
CA ILE A 115 -1.27 -2.07 -0.84
C ILE A 115 -0.13 -2.83 -1.55
N MET A 116 0.45 -2.20 -2.58
CA MET A 116 1.56 -2.83 -3.29
C MET A 116 2.74 -3.02 -2.35
N LEU A 117 2.97 -2.04 -1.47
CA LEU A 117 4.08 -2.13 -0.52
C LEU A 117 3.88 -3.21 0.54
N ARG A 118 2.72 -3.22 1.18
CA ARG A 118 2.47 -4.19 2.24
C ARG A 118 2.45 -5.60 1.68
N SER A 119 2.12 -5.73 0.41
CA SER A 119 2.05 -7.04 -0.24
C SER A 119 3.41 -7.71 -0.35
N ASN A 120 4.47 -6.93 -0.17
CA ASN A 120 5.82 -7.47 -0.27
C ASN A 120 6.04 -8.55 0.80
N GLN A 121 5.25 -8.49 1.87
CA GLN A 121 5.36 -9.46 2.94
C GLN A 121 4.96 -10.87 2.50
N SER A 122 3.94 -10.98 1.63
CA SER A 122 3.54 -12.30 1.16
C SER A 122 4.20 -12.69 -0.16
N PHE A 123 4.87 -11.73 -0.81
CA PHE A 123 5.53 -12.02 -2.08
C PHE A 123 6.76 -12.91 -1.87
N THR A 124 6.94 -13.90 -2.74
CA THR A 124 8.10 -14.79 -2.64
C THR A 124 8.84 -14.88 -3.98
N MET A 125 10.15 -14.72 -3.93
CA MET A 125 10.95 -14.80 -5.14
C MET A 125 11.15 -16.24 -5.60
N ASP A 126 10.75 -17.19 -4.77
CA ASP A 126 10.90 -18.60 -5.12
C ASP A 126 10.16 -18.90 -6.42
N ASP A 127 8.95 -18.35 -6.57
CA ASP A 127 8.17 -18.57 -7.76
C ASP A 127 7.44 -17.30 -8.21
N MET A 128 7.99 -16.15 -7.82
CA MET A 128 7.42 -14.87 -8.18
C MET A 128 5.92 -14.75 -7.96
N SER A 129 5.46 -15.03 -6.74
CA SER A 129 4.04 -14.93 -6.46
C SER A 129 3.75 -14.46 -5.04
N TRP A 130 2.51 -14.04 -4.81
CA TRP A 130 2.09 -13.61 -3.49
C TRP A 130 1.44 -14.82 -2.87
N ASP A 131 2.14 -15.41 -1.91
CA ASP A 131 1.67 -16.61 -1.23
C ASP A 131 0.93 -16.21 0.03
N CYS A 132 -0.39 -16.16 -0.04
CA CYS A 132 -1.20 -15.79 1.10
C CYS A 132 -1.78 -16.97 1.87
N GLY A 133 -0.91 -17.91 2.26
CA GLY A 133 -1.34 -19.04 3.05
C GLY A 133 -1.81 -20.33 2.40
N SER A 134 -2.33 -20.26 1.17
CA SER A 134 -2.82 -21.49 0.53
C SER A 134 -2.93 -21.40 -0.99
N GLN A 135 -3.04 -22.57 -1.61
CA GLN A 135 -3.15 -22.71 -3.06
C GLN A 135 -4.15 -21.72 -3.66
N ASP A 136 -5.37 -21.71 -3.12
CA ASP A 136 -6.42 -20.83 -3.61
C ASP A 136 -6.09 -19.36 -3.41
N TYR A 137 -5.30 -19.08 -2.37
CA TYR A 137 -4.92 -17.71 -2.06
C TYR A 137 -3.44 -17.43 -2.37
N LYS A 138 -2.93 -18.09 -3.40
CA LYS A 138 -1.56 -17.90 -3.84
C LYS A 138 -1.71 -17.31 -5.24
N TYR A 139 -1.23 -16.09 -5.44
CA TYR A 139 -1.40 -15.42 -6.73
C TYR A 139 -0.12 -15.17 -7.53
N ASP A 140 -0.13 -15.59 -8.80
CA ASP A 140 1.01 -15.38 -9.68
C ASP A 140 0.62 -14.44 -10.82
N VAL A 141 1.53 -14.27 -11.79
CA VAL A 141 1.27 -13.37 -12.89
C VAL A 141 -0.01 -13.70 -13.66
N THR A 142 -0.25 -14.98 -13.93
CA THR A 142 -1.44 -15.37 -14.66
C THR A 142 -2.72 -15.07 -13.89
N ASP A 143 -2.69 -15.23 -12.57
CA ASP A 143 -3.87 -14.94 -11.75
C ASP A 143 -4.16 -13.45 -11.70
N VAL A 144 -3.13 -12.69 -11.36
CA VAL A 144 -3.20 -11.25 -11.23
C VAL A 144 -3.53 -10.51 -12.52
N SER A 145 -3.35 -11.17 -13.66
CA SER A 145 -3.64 -10.55 -14.96
C SER A 145 -5.08 -10.78 -15.41
N LYS A 146 -5.86 -11.51 -14.61
CA LYS A 146 -7.25 -11.81 -14.95
C LYS A 146 -8.26 -10.90 -14.24
N ALA A 147 -7.91 -9.62 -14.08
CA ALA A 147 -8.81 -8.68 -13.42
C ALA A 147 -8.95 -7.36 -14.17
N GLY A 148 -8.71 -7.39 -15.48
CA GLY A 148 -8.84 -6.18 -16.27
C GLY A 148 -7.58 -5.36 -16.45
N HIS A 149 -6.58 -5.60 -15.61
CA HIS A 149 -5.31 -4.89 -15.70
C HIS A 149 -4.32 -5.66 -16.54
N THR A 150 -3.53 -4.94 -17.33
CA THR A 150 -2.55 -5.55 -18.24
C THR A 150 -1.13 -5.69 -17.66
N LEU A 151 -0.28 -6.39 -18.42
CA LEU A 151 1.11 -6.61 -18.03
C LEU A 151 1.87 -5.28 -17.97
N GLU A 152 1.31 -4.26 -18.59
CA GLU A 152 1.93 -2.94 -18.57
C GLU A 152 1.98 -2.46 -17.12
N LEU A 153 1.08 -3.01 -16.30
CA LEU A 153 1.03 -2.68 -14.87
C LEU A 153 1.72 -3.82 -14.12
N ILE A 154 1.33 -5.04 -14.42
CA ILE A 154 1.85 -6.23 -13.74
C ILE A 154 3.37 -6.47 -13.82
N GLU A 155 3.95 -6.35 -15.01
CA GLU A 155 5.39 -6.60 -15.15
C GLU A 155 6.18 -5.66 -14.25
N PRO A 156 5.90 -4.34 -14.30
CA PRO A 156 6.65 -3.41 -13.45
C PRO A 156 6.35 -3.67 -11.96
N LEU A 157 5.15 -4.15 -11.65
CA LEU A 157 4.79 -4.44 -10.27
C LEU A 157 5.61 -5.62 -9.74
N ILE A 158 5.76 -6.66 -10.56
CA ILE A 158 6.54 -7.83 -10.14
C ILE A 158 7.99 -7.43 -9.94
N LYS A 159 8.52 -6.64 -10.87
CA LYS A 159 9.90 -6.17 -10.78
C LYS A 159 10.09 -5.39 -9.48
N PHE A 160 9.10 -4.57 -9.15
CA PHE A 160 9.13 -3.76 -7.94
C PHE A 160 9.26 -4.66 -6.72
N GLN A 161 8.44 -5.70 -6.69
CA GLN A 161 8.42 -6.65 -5.57
C GLN A 161 9.80 -7.29 -5.38
N VAL A 162 10.43 -7.65 -6.48
CA VAL A 162 11.74 -8.28 -6.42
C VAL A 162 12.77 -7.29 -5.87
N GLY A 163 12.78 -6.08 -6.43
CA GLY A 163 13.72 -5.07 -5.98
C GLY A 163 13.57 -4.74 -4.51
N LEU A 164 12.32 -4.67 -4.05
CA LEU A 164 12.05 -4.35 -2.66
C LEU A 164 12.45 -5.52 -1.76
N LYS A 165 12.13 -6.73 -2.20
CA LYS A 165 12.46 -7.92 -1.44
C LYS A 165 13.97 -7.99 -1.22
N LYS A 166 14.73 -7.63 -2.26
CA LYS A 166 16.19 -7.64 -2.21
C LYS A 166 16.79 -6.61 -1.26
N LEU A 167 15.97 -5.69 -0.77
CA LEU A 167 16.48 -4.70 0.17
C LEU A 167 16.55 -5.31 1.56
N ASN A 168 15.83 -6.41 1.76
CA ASN A 168 15.81 -7.11 3.04
C ASN A 168 15.63 -6.12 4.19
N LEU A 169 14.64 -5.24 4.06
CA LEU A 169 14.36 -4.24 5.08
C LEU A 169 13.96 -4.86 6.40
N HIS A 170 14.30 -4.17 7.48
CA HIS A 170 13.91 -4.59 8.82
C HIS A 170 12.43 -4.20 8.85
N GLU A 171 11.62 -4.93 9.62
CA GLU A 171 10.20 -4.61 9.70
C GLU A 171 10.01 -3.15 10.11
N GLU A 172 10.94 -2.62 10.89
CA GLU A 172 10.90 -1.23 11.33
C GLU A 172 10.94 -0.28 10.14
N GLU A 173 11.82 -0.60 9.17
CA GLU A 173 11.96 0.19 7.96
C GLU A 173 10.74 0.02 7.04
N HIS A 174 10.20 -1.19 6.99
CA HIS A 174 9.02 -1.49 6.17
C HIS A 174 7.82 -0.65 6.60
N VAL A 175 7.54 -0.63 7.91
CA VAL A 175 6.42 0.16 8.41
C VAL A 175 6.65 1.66 8.26
N LEU A 176 7.89 2.10 8.42
CA LEU A 176 8.22 3.53 8.26
C LEU A 176 8.00 3.96 6.81
N LEU A 177 8.35 3.09 5.88
CA LEU A 177 8.20 3.40 4.45
C LEU A 177 6.74 3.54 4.08
N MET A 178 5.91 2.63 4.60
CA MET A 178 4.48 2.70 4.32
C MET A 178 3.90 4.02 4.88
N ALA A 179 4.29 4.38 6.10
CA ALA A 179 3.82 5.61 6.72
C ALA A 179 4.32 6.86 5.97
N ILE A 180 5.57 6.82 5.52
CA ILE A 180 6.12 7.94 4.77
C ILE A 180 5.34 8.07 3.46
N CYS A 181 5.05 6.93 2.83
CA CYS A 181 4.29 6.90 1.57
C CYS A 181 2.91 7.57 1.72
N ILE A 182 2.23 7.26 2.81
CA ILE A 182 0.90 7.81 3.10
C ILE A 182 0.94 9.32 3.35
N VAL A 183 1.85 9.77 4.19
CA VAL A 183 1.96 11.19 4.53
C VAL A 183 2.88 11.95 3.58
N SER A 184 2.50 12.01 2.31
CA SER A 184 3.27 12.69 1.27
C SER A 184 2.63 14.04 0.94
N PRO A 185 3.37 15.14 1.17
CA PRO A 185 2.86 16.49 0.90
C PRO A 185 2.62 16.88 -0.56
N ASP A 186 3.20 16.14 -1.51
CA ASP A 186 3.01 16.49 -2.90
C ASP A 186 1.81 15.83 -3.58
N ARG A 187 0.96 15.18 -2.80
CA ARG A 187 -0.21 14.54 -3.38
C ARG A 187 -1.18 15.62 -3.84
N PRO A 188 -1.82 15.41 -5.00
CA PRO A 188 -2.78 16.38 -5.52
C PRO A 188 -3.93 16.67 -4.56
N GLY A 189 -4.15 17.94 -4.25
CA GLY A 189 -5.24 18.31 -3.36
C GLY A 189 -4.90 18.62 -1.93
N VAL A 190 -3.65 18.36 -1.53
CA VAL A 190 -3.25 18.63 -0.16
C VAL A 190 -3.40 20.11 0.18
N GLN A 191 -4.01 20.39 1.33
CA GLN A 191 -4.19 21.76 1.77
C GLN A 191 -3.06 22.24 2.66
N ASP A 192 -2.93 21.64 3.83
CA ASP A 192 -1.88 22.03 4.76
C ASP A 192 -0.63 21.18 4.49
N ALA A 193 -0.05 21.37 3.31
CA ALA A 193 1.15 20.64 2.91
C ALA A 193 2.28 20.81 3.92
N LYS A 194 2.29 21.95 4.60
CA LYS A 194 3.31 22.25 5.60
C LYS A 194 3.17 21.32 6.79
N LEU A 195 1.94 21.07 7.21
CA LEU A 195 1.68 20.19 8.33
C LEU A 195 2.07 18.78 7.89
N VAL A 196 1.67 18.42 6.67
CA VAL A 196 1.97 17.10 6.12
C VAL A 196 3.47 16.89 6.02
N GLU A 197 4.18 17.92 5.55
CA GLU A 197 5.62 17.85 5.40
C GLU A 197 6.30 17.65 6.75
N ALA A 198 5.83 18.37 7.75
CA ALA A 198 6.40 18.26 9.08
C ALA A 198 6.22 16.84 9.58
N ILE A 199 5.00 16.32 9.49
CA ILE A 199 4.71 14.96 9.93
C ILE A 199 5.60 13.95 9.18
N GLN A 200 5.75 14.14 7.87
CA GLN A 200 6.57 13.21 7.08
C GLN A 200 8.05 13.28 7.46
N ASP A 201 8.57 14.49 7.61
CA ASP A 201 9.97 14.68 7.97
C ASP A 201 10.28 13.97 9.27
N ARG A 202 9.36 14.03 10.21
CA ARG A 202 9.53 13.38 11.50
C ARG A 202 9.74 11.88 11.25
N LEU A 203 8.97 11.35 10.30
CA LEU A 203 9.06 9.95 9.94
C LEU A 203 10.35 9.70 9.15
N SER A 204 10.66 10.60 8.21
CA SER A 204 11.87 10.47 7.39
C SER A 204 13.15 10.51 8.22
N ASN A 205 13.16 11.33 9.27
CA ASN A 205 14.33 11.44 10.12
C ASN A 205 14.44 10.18 10.97
N THR A 206 13.30 9.65 11.38
CA THR A 206 13.28 8.44 12.18
C THR A 206 13.85 7.31 11.35
N LEU A 207 13.56 7.33 10.05
CA LEU A 207 14.06 6.30 9.15
C LEU A 207 15.56 6.47 8.93
N GLN A 208 15.98 7.69 8.57
CA GLN A 208 17.40 7.94 8.32
C GLN A 208 18.25 7.61 9.55
N THR A 209 17.75 7.90 10.73
CA THR A 209 18.47 7.63 11.97
C THR A 209 18.46 6.14 12.33
N TYR A 210 17.36 5.45 12.07
CA TYR A 210 17.28 4.02 12.37
C TYR A 210 18.24 3.22 11.50
N ILE A 211 18.35 3.63 10.24
CA ILE A 211 19.25 2.94 9.31
C ILE A 211 20.68 3.06 9.84
N ARG A 212 21.06 4.28 10.21
CA ARG A 212 22.40 4.54 10.72
C ARG A 212 22.68 3.76 12.01
N CYS A 213 21.77 3.87 12.98
CA CYS A 213 21.96 3.21 14.27
C CYS A 213 21.57 1.75 14.40
N ARG A 214 20.65 1.26 13.57
CA ARG A 214 20.22 -0.13 13.70
C ARG A 214 20.40 -1.06 12.52
N HIS A 215 20.82 -0.52 11.37
CA HIS A 215 21.01 -1.38 10.20
C HIS A 215 22.49 -1.40 9.85
N PRO A 216 23.20 -2.43 10.34
CA PRO A 216 24.63 -2.59 10.10
C PRO A 216 25.02 -2.75 8.64
N PRO A 217 26.16 -2.19 8.25
CA PRO A 217 26.59 -2.32 6.85
C PRO A 217 26.99 -3.78 6.62
N PRO A 218 27.06 -4.21 5.35
CA PRO A 218 26.80 -3.41 4.15
C PRO A 218 25.32 -3.29 3.77
N GLY A 219 24.46 -4.11 4.37
CA GLY A 219 23.04 -4.07 4.06
C GLY A 219 22.44 -2.68 4.11
N SER A 220 23.12 -1.75 4.77
CA SER A 220 22.65 -0.38 4.90
C SER A 220 23.18 0.57 3.82
N HIS A 221 24.09 0.09 2.99
CA HIS A 221 24.69 0.92 1.95
C HIS A 221 23.65 1.61 1.07
N GLN A 222 23.53 2.93 1.21
CA GLN A 222 22.60 3.74 0.44
C GLN A 222 21.15 3.24 0.55
N LEU A 223 20.84 2.61 1.66
CA LEU A 223 19.51 2.07 1.85
C LEU A 223 18.40 3.13 1.79
N TYR A 224 18.60 4.27 2.44
CA TYR A 224 17.58 5.32 2.44
C TYR A 224 17.28 5.76 1.02
N ALA A 225 18.34 6.00 0.24
CA ALA A 225 18.23 6.43 -1.14
C ALA A 225 17.44 5.42 -1.95
N LYS A 226 17.74 4.13 -1.75
CA LYS A 226 17.05 3.07 -2.46
C LYS A 226 15.59 2.96 -2.04
N MET A 227 15.31 3.24 -0.77
CA MET A 227 13.94 3.18 -0.28
C MET A 227 13.15 4.35 -0.89
N ILE A 228 13.77 5.51 -0.98
CA ILE A 228 13.11 6.67 -1.57
C ILE A 228 12.85 6.37 -3.04
N GLN A 229 13.76 5.66 -3.69
CA GLN A 229 13.56 5.33 -5.09
C GLN A 229 12.32 4.46 -5.25
N LYS A 230 12.09 3.57 -4.28
CA LYS A 230 10.91 2.72 -4.34
C LYS A 230 9.66 3.61 -4.28
N LEU A 231 9.74 4.71 -3.57
CA LEU A 231 8.60 5.61 -3.49
C LEU A 231 8.32 6.19 -4.88
N ALA A 232 9.39 6.42 -5.63
CA ALA A 232 9.28 6.94 -6.99
C ALA A 232 8.68 5.86 -7.87
N ASP A 233 9.15 4.62 -7.70
CA ASP A 233 8.65 3.47 -8.46
C ASP A 233 7.14 3.32 -8.25
N LEU A 234 6.71 3.50 -7.00
CA LEU A 234 5.28 3.39 -6.66
C LEU A 234 4.43 4.48 -7.32
N ARG A 235 5.00 5.67 -7.53
CA ARG A 235 4.27 6.76 -8.18
C ARG A 235 3.97 6.35 -9.60
N SER A 236 4.95 5.70 -10.22
CA SER A 236 4.83 5.22 -11.58
C SER A 236 3.77 4.11 -11.65
N LEU A 237 3.84 3.18 -10.71
CA LEU A 237 2.86 2.09 -10.67
C LEU A 237 1.46 2.66 -10.42
N ASN A 238 1.38 3.68 -9.57
CA ASN A 238 0.12 4.32 -9.24
C ASN A 238 -0.46 4.96 -10.49
N GLU A 239 0.38 5.72 -11.19
CA GLU A 239 -0.05 6.40 -12.42
C GLU A 239 -0.58 5.41 -13.46
N GLU A 240 0.10 4.28 -13.61
CA GLU A 240 -0.34 3.27 -14.58
C GLU A 240 -1.62 2.59 -14.11
N HIS A 241 -1.73 2.32 -12.81
CA HIS A 241 -2.95 1.70 -12.28
C HIS A 241 -4.13 2.64 -12.55
N SER A 242 -3.93 3.93 -12.28
CA SER A 242 -4.99 4.91 -12.49
C SER A 242 -5.39 4.97 -13.97
N LYS A 243 -4.40 4.97 -14.86
CA LYS A 243 -4.69 5.02 -16.29
C LYS A 243 -5.61 3.88 -16.68
N GLN A 244 -5.24 2.66 -16.30
CA GLN A 244 -6.04 1.49 -16.66
C GLN A 244 -7.38 1.45 -15.93
N TYR A 245 -7.42 1.98 -14.71
CA TYR A 245 -8.68 1.97 -13.98
C TYR A 245 -9.70 2.81 -14.75
N ARG A 246 -9.30 4.02 -15.13
CA ARG A 246 -10.19 4.89 -15.89
C ARG A 246 -10.76 4.15 -17.10
N SER A 247 -9.85 3.57 -17.88
CA SER A 247 -10.25 2.83 -19.08
C SER A 247 -11.33 1.81 -18.73
N LEU A 248 -11.08 1.04 -17.68
CA LEU A 248 -12.02 0.01 -17.23
C LEU A 248 -13.33 0.58 -16.69
N SER A 249 -13.25 1.72 -16.03
CA SER A 249 -14.45 2.34 -15.47
C SER A 249 -15.43 2.71 -16.57
N PHE A 250 -14.94 2.70 -17.80
CA PHE A 250 -15.78 3.02 -18.97
C PHE A 250 -16.57 1.79 -19.40
N GLN A 251 -16.33 0.68 -18.73
CA GLN A 251 -17.03 -0.57 -19.05
C GLN A 251 -17.83 -1.03 -17.83
N PRO A 252 -19.13 -0.71 -17.81
CA PRO A 252 -20.05 -1.06 -16.72
C PRO A 252 -20.00 -2.51 -16.25
N GLU A 253 -19.84 -3.43 -17.20
CA GLU A 253 -19.79 -4.86 -16.86
C GLU A 253 -18.67 -5.20 -15.87
N ASN A 254 -17.60 -4.41 -15.88
CA ASN A 254 -16.48 -4.63 -14.98
C ASN A 254 -16.69 -3.84 -13.69
N SER A 255 -17.05 -2.56 -13.85
CA SER A 255 -17.31 -1.67 -12.73
C SER A 255 -18.37 -2.30 -11.84
N MET A 256 -19.26 -3.06 -12.46
CA MET A 256 -20.35 -3.73 -11.76
C MET A 256 -19.83 -4.77 -10.77
N LYS A 257 -18.69 -5.38 -11.10
CA LYS A 257 -18.09 -6.41 -10.26
C LYS A 257 -17.17 -5.90 -9.15
N LEU A 258 -17.03 -4.58 -9.04
CA LEU A 258 -16.17 -4.03 -7.99
C LEU A 258 -16.97 -3.77 -6.72
N THR A 259 -16.34 -3.14 -5.74
CA THR A 259 -17.05 -2.85 -4.49
C THR A 259 -17.29 -1.34 -4.42
N PRO A 260 -18.21 -0.92 -3.56
CA PRO A 260 -18.48 0.51 -3.43
C PRO A 260 -17.26 1.29 -2.95
N LEU A 261 -16.50 0.69 -2.02
CA LEU A 261 -15.31 1.37 -1.49
C LEU A 261 -14.27 1.59 -2.59
N VAL A 262 -14.05 0.57 -3.41
CA VAL A 262 -13.09 0.69 -4.51
C VAL A 262 -13.54 1.80 -5.45
N LEU A 263 -14.81 1.75 -5.86
CA LEU A 263 -15.36 2.75 -6.76
C LEU A 263 -15.17 4.15 -6.22
N GLU A 264 -15.35 4.31 -4.92
CA GLU A 264 -15.22 5.61 -4.28
C GLU A 264 -13.77 6.08 -4.22
N VAL A 265 -12.90 5.20 -3.74
CA VAL A 265 -11.48 5.54 -3.63
C VAL A 265 -10.79 5.76 -4.98
N PHE A 266 -11.00 4.83 -5.90
CA PHE A 266 -10.37 4.93 -7.21
C PHE A 266 -11.08 5.83 -8.23
N GLY A 267 -12.32 6.21 -7.93
CA GLY A 267 -13.07 7.07 -8.84
C GLY A 267 -14.39 6.47 -9.28
N ASN A 268 -15.44 7.29 -9.28
CA ASN A 268 -16.78 6.85 -9.67
C ASN A 268 -17.43 7.80 -10.69
N LYS B 1 -14.06 15.42 -2.71
CA LYS B 1 -15.17 15.15 -3.67
C LYS B 1 -16.25 14.29 -3.02
N ASN B 2 -16.43 14.50 -1.71
CA ASN B 2 -17.42 13.77 -0.94
C ASN B 2 -17.18 12.26 -1.01
N HIS B 3 -16.48 11.74 -0.01
CA HIS B 3 -16.17 10.32 0.07
C HIS B 3 -16.73 9.77 1.37
N PRO B 4 -18.05 9.50 1.39
CA PRO B 4 -18.84 8.98 2.51
C PRO B 4 -18.22 7.80 3.26
N MET B 5 -17.93 6.74 2.52
CA MET B 5 -17.37 5.53 3.10
C MET B 5 -15.97 5.75 3.65
N LEU B 6 -15.15 6.48 2.90
CA LEU B 6 -13.78 6.77 3.32
C LEU B 6 -13.83 7.64 4.58
N MET B 7 -14.68 8.67 4.54
CA MET B 7 -14.84 9.59 5.66
C MET B 7 -15.26 8.82 6.90
N ASN B 8 -16.22 7.92 6.73
CA ASN B 8 -16.72 7.09 7.81
C ASN B 8 -15.64 6.19 8.39
N LEU B 9 -14.78 5.64 7.53
CA LEU B 9 -13.71 4.74 7.97
C LEU B 9 -12.59 5.51 8.67
N LEU B 10 -12.44 6.79 8.33
CA LEU B 10 -11.41 7.64 8.91
C LEU B 10 -11.80 8.18 10.29
N LYS B 11 -13.05 8.62 10.42
CA LYS B 11 -13.51 9.15 11.69
C LYS B 11 -13.37 8.11 12.80
C1 4OA C . -5.54 -6.42 -9.97
C10 4OA C . -4.19 -5.66 -9.49
C11 4OA C . -3.79 -7.72 -7.79
C12 4OA C . -3.58 -8.23 -6.31
C13 4OA C . -2.29 -7.60 -5.64
C14 4OA C . -2.30 -6.01 -5.84
C15 4OA C . -0.95 -5.60 -5.10
C16 4OA C . -1.24 -6.27 -3.81
C17 4OA C . -2.15 -7.59 -4.06
C18 4OA C . -0.97 -8.29 -6.40
C19 4OA C . -3.27 -6.24 -10.46
O1B 4OA C . -7.98 -3.79 -8.32
C2 4OA C . -6.87 -5.90 -9.32
C20 4OA C . -1.50 -8.91 -3.36
C21 4OA C . -2.46 -10.19 -3.63
C22 4OA C . -1.42 -8.62 -1.86
C23 4OA C . -0.81 -9.68 -0.92
C24 4OA C . -0.71 -9.22 0.52
C3 4OA C . -7.04 -4.31 -9.25
C4 4OA C . -5.68 -3.59 -8.65
O4 4OA C . 0.17 -9.77 1.21
O4A 4OA C . -1.47 -8.31 0.98
C5 4OA C . -4.29 -4.02 -9.48
C6 4OA C . -2.89 -3.37 -8.90
C7 4OA C . -2.58 -3.91 -7.40
C8 4OA C . -2.49 -5.50 -7.35
C9 4OA C . -3.86 -6.18 -7.96
#